data_3DI4
#
_entry.id   3DI4
#
_cell.length_a   51.465
_cell.length_b   95.764
_cell.length_c   58.689
_cell.angle_alpha   90.000
_cell.angle_beta   109.040
_cell.angle_gamma   90.000
#
_symmetry.space_group_name_H-M   'P 1 21 1'
#
loop_
_entity.id
_entity.type
_entity.pdbx_description
1 polymer 'Uncharacterized Protein DUF1989'
2 non-polymer 'ZINC ION'
3 non-polymer 'CHLORIDE ION'
4 non-polymer GLYCEROL
5 non-polymer 'SULFATE ION'
6 water water
#
_entity_poly.entity_id   1
_entity_poly.type   'polypeptide(L)'
_entity_poly.pdbx_seq_one_letter_code
;G(MSE)TDAPADAPLDADARRAVKPVICYPNDSLPRPDLALYRAARASARKTGEVLVPPREGRCFEVKAGQFFRISSVEG
PQVGDLNLHNLHDLTERFFSGKTRALHGTHVTTGERLWSNLPYLRP(MSE)ATIIEDTLGWYGIDQYGGSVHDVIGTRCD
PYTGNLLAGGHYHHCCHSNLTRALADHTGLPLHEAE(MSE)LVHDVLNVF(MSE)CTGFTRDTGQYF(MSE)KASPVRPG
DYLEFFAEIDLLGNLSACPGGDCSSEHSSDTASCHPLLVEIFAPAEG(MSE)LGDWPSPSVNGYDRSHGR
;
_entity_poly.pdbx_strand_id   A,B
#
loop_
_chem_comp.id
_chem_comp.type
_chem_comp.name
_chem_comp.formula
CL non-polymer 'CHLORIDE ION' 'Cl -1'
GOL non-polymer GLYCEROL 'C3 H8 O3'
SO4 non-polymer 'SULFATE ION' 'O4 S -2'
ZN non-polymer 'ZINC ION' 'Zn 2'
#
# COMPACT_ATOMS: atom_id res chain seq x y z
N GLY A 1 -2.90 -17.45 41.89
CA GLY A 1 -2.28 -16.24 41.26
C GLY A 1 -3.24 -15.37 40.45
N MSE A 2 -2.65 -14.34 39.85
CA MSE A 2 -3.32 -13.50 38.88
C MSE A 2 -3.59 -14.31 37.62
O MSE A 2 -2.72 -15.09 37.20
CB MSE A 2 -2.41 -12.33 38.52
CG MSE A 2 -1.94 -11.49 39.71
SE MSE A 2 -3.05 -9.93 39.96
CE MSE A 2 -4.69 -10.76 40.50
N THR A 3 -4.75 -14.14 37.01
CA THR A 3 -5.09 -14.92 35.82
CA THR A 3 -5.15 -14.88 35.80
C THR A 3 -4.61 -14.21 34.54
N ASP A 4 -4.35 -14.99 33.50
CA ASP A 4 -3.88 -14.45 32.23
C ASP A 4 -5.04 -14.16 31.28
N ALA A 5 -4.87 -13.15 30.42
CA ALA A 5 -5.84 -12.81 29.39
C ALA A 5 -5.28 -13.29 28.07
N PRO A 6 -6.15 -13.48 27.07
CA PRO A 6 -5.70 -13.92 25.75
C PRO A 6 -4.54 -13.15 25.13
N ALA A 7 -4.50 -11.83 25.32
CA ALA A 7 -3.50 -10.97 24.66
C ALA A 7 -2.25 -10.68 25.49
N ASP A 8 -2.13 -11.28 26.67
CA ASP A 8 -0.97 -11.02 27.54
C ASP A 8 0.32 -11.66 27.00
N ALA A 9 1.44 -11.02 27.29
CA ALA A 9 2.73 -11.48 26.78
C ALA A 9 3.09 -12.86 27.35
N PRO A 10 3.59 -13.76 26.50
CA PRO A 10 4.16 -15.04 26.94
C PRO A 10 5.54 -14.90 27.59
N LEU A 11 6.00 -15.93 28.30
CA LEU A 11 7.24 -15.82 29.00
C LEU A 11 8.43 -15.60 28.05
N ASP A 12 8.32 -16.11 26.83
CA ASP A 12 9.39 -15.99 25.83
C ASP A 12 9.13 -14.83 24.87
N ALA A 13 8.35 -13.82 25.28
CA ALA A 13 8.15 -12.62 24.43
C ALA A 13 9.46 -12.04 23.87
N ASP A 14 10.45 -11.82 24.72
CA ASP A 14 11.66 -11.15 24.25
C ASP A 14 12.45 -12.00 23.26
N ALA A 15 12.41 -13.31 23.45
CA ALA A 15 13.05 -14.24 22.51
C ALA A 15 12.42 -14.14 21.13
N ARG A 16 11.09 -14.07 21.09
CA ARG A 16 10.37 -13.97 19.81
C ARG A 16 10.69 -12.65 19.16
N ARG A 17 10.80 -11.59 19.96
CA ARG A 17 11.17 -10.28 19.46
C ARG A 17 12.62 -10.23 18.94
N ALA A 18 13.49 -11.06 19.50
CA ALA A 18 14.91 -11.06 19.13
C ALA A 18 15.21 -11.77 17.83
N VAL A 19 14.28 -12.57 17.33
CA VAL A 19 14.48 -13.30 16.06
C VAL A 19 14.81 -12.28 14.97
N LYS A 20 15.90 -12.51 14.22
CA LYS A 20 16.42 -11.49 13.34
C LYS A 20 15.63 -11.24 12.04
N PRO A 21 15.65 -9.99 11.57
CA PRO A 21 15.01 -9.73 10.28
C PRO A 21 15.67 -10.42 9.08
N VAL A 22 14.85 -10.73 8.08
CA VAL A 22 15.30 -11.22 6.79
C VAL A 22 14.66 -10.31 5.74
N ILE A 23 15.48 -9.69 4.90
CA ILE A 23 14.96 -8.80 3.88
C ILE A 23 14.18 -9.65 2.88
N CYS A 24 12.94 -9.27 2.56
CA CYS A 24 12.08 -10.15 1.75
C CYS A 24 12.59 -10.29 0.31
N TYR A 25 12.99 -9.18 -0.28
CA TYR A 25 13.52 -9.15 -1.64
C TYR A 25 14.90 -8.49 -1.65
N PRO A 26 15.95 -9.30 -1.46
CA PRO A 26 17.30 -8.75 -1.42
C PRO A 26 17.66 -8.09 -2.76
N ASN A 27 18.51 -7.08 -2.70
CA ASN A 27 18.82 -6.31 -3.90
C ASN A 27 19.54 -7.15 -4.95
N ASP A 28 20.35 -8.12 -4.51
CA ASP A 28 20.99 -9.04 -5.44
C ASP A 28 20.01 -9.89 -6.25
N SER A 29 18.75 -9.96 -5.82
CA SER A 29 17.74 -10.72 -6.55
C SER A 29 17.16 -9.96 -7.74
N LEU A 30 17.34 -8.64 -7.76
CA LEU A 30 16.66 -7.81 -8.72
C LEU A 30 17.42 -7.78 -10.02
N PRO A 31 16.71 -7.58 -11.15
CA PRO A 31 17.43 -7.33 -12.39
C PRO A 31 18.14 -5.97 -12.31
N ARG A 32 19.38 -5.89 -12.75
CA ARG A 32 20.09 -4.60 -12.69
C ARG A 32 19.82 -3.76 -13.94
N PRO A 33 19.33 -2.51 -13.75
CA PRO A 33 19.19 -1.65 -14.91
C PRO A 33 20.56 -1.21 -15.39
N ASP A 34 20.66 -0.92 -16.70
CA ASP A 34 21.90 -0.41 -17.28
C ASP A 34 21.91 1.11 -17.10
N LEU A 35 22.13 1.50 -15.85
CA LEU A 35 22.12 2.92 -15.48
C LEU A 35 23.15 3.72 -16.27
N ALA A 36 24.34 3.17 -16.53
CA ALA A 36 25.36 3.89 -17.32
C ALA A 36 24.88 4.16 -18.74
N LEU A 37 24.25 3.15 -19.36
CA LEU A 37 23.68 3.35 -20.65
C LEU A 37 22.65 4.48 -20.63
N TYR A 38 21.75 4.47 -19.63
CA TYR A 38 20.71 5.50 -19.56
C TYR A 38 21.33 6.88 -19.40
N ARG A 39 22.33 6.97 -18.54
CA ARG A 39 23.00 8.24 -18.26
C ARG A 39 23.82 8.76 -19.45
N ALA A 40 24.50 7.87 -20.13
CA ALA A 40 25.22 8.30 -21.37
C ALA A 40 24.21 8.86 -22.37
N ALA A 41 23.09 8.13 -22.56
CA ALA A 41 22.05 8.57 -23.48
C ALA A 41 21.43 9.91 -23.05
N ARG A 42 21.25 10.08 -21.75
CA ARG A 42 20.74 11.36 -21.24
C ARG A 42 21.70 12.53 -21.53
N ALA A 43 23.02 12.30 -21.42
CA ALA A 43 23.99 13.38 -21.66
C ALA A 43 23.96 13.85 -23.10
N SER A 44 23.50 12.98 -24.00
CA SER A 44 23.35 13.27 -25.45
C SER A 44 22.03 13.93 -25.79
N ALA A 45 21.10 13.96 -24.83
CA ALA A 45 19.70 14.19 -25.16
C ALA A 45 19.35 15.65 -25.39
N ARG A 46 18.27 15.88 -26.11
CA ARG A 46 17.74 17.20 -26.32
C ARG A 46 16.32 17.28 -25.77
N LYS A 47 15.99 18.44 -25.28
CA LYS A 47 14.67 18.71 -24.73
C LYS A 47 13.65 18.75 -25.85
N THR A 48 12.52 18.08 -25.63
CA THR A 48 11.49 18.00 -26.65
C THR A 48 10.19 18.63 -26.18
N GLY A 49 10.02 18.84 -24.89
CA GLY A 49 8.79 19.44 -24.42
C GLY A 49 8.83 19.68 -22.91
N GLU A 50 7.81 20.38 -22.43
CA GLU A 50 7.63 20.62 -20.99
C GLU A 50 6.16 20.82 -20.68
N VAL A 51 5.81 20.51 -19.43
CA VAL A 51 4.48 20.74 -18.91
C VAL A 51 4.67 21.40 -17.54
N LEU A 52 4.11 22.60 -17.38
CA LEU A 52 4.12 23.30 -16.10
C LEU A 52 2.85 22.91 -15.34
N VAL A 53 3.02 22.26 -14.19
CA VAL A 53 1.89 21.91 -13.32
C VAL A 53 1.60 23.03 -12.29
N PRO A 54 0.43 23.71 -12.42
CA PRO A 54 0.14 24.75 -11.48
C PRO A 54 -0.11 24.20 -10.07
N PRO A 55 0.05 25.06 -9.06
CA PRO A 55 -0.27 24.61 -7.70
C PRO A 55 -1.71 24.16 -7.57
N ARG A 56 -1.91 23.08 -6.80
CA ARG A 56 -3.25 22.53 -6.58
C ARG A 56 -3.96 22.03 -7.84
N GLU A 57 -3.17 21.66 -8.83
CA GLU A 57 -3.66 21.15 -10.10
C GLU A 57 -2.89 19.90 -10.49
N GLY A 58 -3.47 19.15 -11.41
CA GLY A 58 -2.76 18.06 -12.07
C GLY A 58 -2.62 18.27 -13.58
N ARG A 59 -1.54 17.72 -14.14
CA ARG A 59 -1.37 17.69 -15.59
C ARG A 59 -0.82 16.37 -16.05
N CYS A 60 -1.29 15.90 -17.20
CA CYS A 60 -0.72 14.71 -17.85
C CYS A 60 0.44 15.12 -18.80
N PHE A 61 1.33 14.17 -19.08
CA PHE A 61 2.40 14.37 -20.05
C PHE A 61 2.69 13.00 -20.66
N GLU A 62 3.14 12.99 -21.93
CA GLU A 62 3.45 11.75 -22.59
C GLU A 62 4.96 11.63 -22.77
N VAL A 63 5.48 10.43 -22.56
CA VAL A 63 6.90 10.15 -22.76
C VAL A 63 7.04 8.81 -23.47
N LYS A 64 7.80 8.77 -24.57
CA LYS A 64 8.04 7.52 -25.26
C LYS A 64 9.13 6.70 -24.60
N ALA A 65 9.03 5.39 -24.76
CA ALA A 65 10.07 4.46 -24.35
C ALA A 65 11.41 4.98 -24.84
N GLY A 66 12.39 5.00 -23.95
CA GLY A 66 13.75 5.44 -24.34
C GLY A 66 14.01 6.93 -24.17
N GLN A 67 12.98 7.70 -23.76
CA GLN A 67 13.11 9.11 -23.50
C GLN A 67 13.20 9.32 -21.97
N PHE A 68 13.37 10.57 -21.56
CA PHE A 68 13.57 10.92 -20.18
C PHE A 68 12.56 11.96 -19.77
N PHE A 69 12.14 11.91 -18.50
CA PHE A 69 11.34 12.98 -17.91
C PHE A 69 11.91 13.37 -16.57
N ARG A 70 11.96 14.69 -16.37
CA ARG A 70 12.51 15.32 -15.17
C ARG A 70 11.39 16.10 -14.51
N ILE A 71 11.25 15.91 -13.20
CA ILE A 71 10.38 16.72 -12.39
C ILE A 71 11.26 17.66 -11.58
N SER A 72 11.10 18.97 -11.75
CA SER A 72 11.93 19.96 -11.10
C SER A 72 11.13 20.85 -10.17
N SER A 73 11.80 21.27 -9.09
CA SER A 73 11.31 22.24 -8.15
C SER A 73 11.58 23.63 -8.73
N VAL A 74 10.52 24.44 -8.73
CA VAL A 74 10.54 25.81 -9.23
C VAL A 74 9.78 26.74 -8.29
N GLU A 75 10.34 27.95 -8.09
CA GLU A 75 9.70 29.05 -7.33
CA GLU A 75 9.76 29.05 -7.35
C GLU A 75 9.79 28.86 -5.82
N GLY A 76 9.47 27.66 -5.35
CA GLY A 76 9.50 27.38 -3.93
C GLY A 76 9.24 25.89 -3.69
N PRO A 77 9.45 25.45 -2.47
CA PRO A 77 9.34 24.03 -2.19
C PRO A 77 7.94 23.47 -2.25
N GLN A 78 7.83 22.34 -2.92
CA GLN A 78 6.54 21.79 -3.24
C GLN A 78 6.64 20.30 -3.58
N VAL A 79 5.74 19.52 -3.02
CA VAL A 79 5.75 18.09 -3.33
C VAL A 79 4.78 17.76 -4.47
N GLY A 80 5.06 16.65 -5.14
CA GLY A 80 4.28 16.22 -6.30
C GLY A 80 3.83 14.79 -6.12
N ASP A 81 2.62 14.53 -6.59
CA ASP A 81 2.08 13.17 -6.52
C ASP A 81 1.98 12.67 -7.94
N LEU A 82 2.76 11.63 -8.22
CA LEU A 82 2.87 11.06 -9.57
C LEU A 82 2.11 9.77 -9.74
N ASN A 83 1.42 9.68 -10.87
CA ASN A 83 0.84 8.48 -11.43
C ASN A 83 1.44 8.20 -12.83
N LEU A 84 1.51 6.92 -13.17
CA LEU A 84 2.00 6.52 -14.49
C LEU A 84 1.09 5.47 -15.06
N HIS A 85 0.82 5.56 -16.37
CA HIS A 85 0.09 4.55 -17.12
C HIS A 85 0.90 4.16 -18.36
N ASN A 86 0.70 2.92 -18.81
CA ASN A 86 1.11 2.53 -20.16
C ASN A 86 0.28 3.41 -21.10
N LEU A 87 0.94 4.18 -21.95
CA LEU A 87 0.28 5.12 -22.84
C LEU A 87 -0.80 4.46 -23.68
N HIS A 88 -0.57 3.20 -24.00
CA HIS A 88 -1.47 2.44 -24.87
C HIS A 88 -2.41 1.49 -24.14
N ASP A 89 -2.39 1.48 -22.81
CA ASP A 89 -3.21 0.59 -22.05
C ASP A 89 -3.23 1.15 -20.64
N LEU A 90 -4.18 2.04 -20.40
CA LEU A 90 -4.25 2.76 -19.12
C LEU A 90 -4.46 1.84 -17.91
N THR A 91 -4.91 0.61 -18.15
CA THR A 91 -5.12 -0.36 -17.07
C THR A 91 -3.79 -0.79 -16.45
N GLU A 92 -2.72 -0.70 -17.23
CA GLU A 92 -1.39 -1.00 -16.72
C GLU A 92 -0.87 0.32 -16.15
N ARG A 93 -0.60 0.30 -14.87
CA ARG A 93 -0.23 1.53 -14.16
CA ARG A 93 -0.21 1.53 -14.18
C ARG A 93 0.67 1.23 -12.97
N PHE A 94 1.19 2.31 -12.40
CA PHE A 94 2.18 2.20 -11.34
C PHE A 94 1.59 1.45 -10.16
N PHE A 95 2.41 0.56 -9.62
CA PHE A 95 2.08 -0.30 -8.49
C PHE A 95 3.01 0.05 -7.33
N SER A 96 2.60 0.99 -6.50
CA SER A 96 3.47 1.42 -5.43
CA SER A 96 3.38 1.45 -5.35
C SER A 96 3.75 0.26 -4.46
N GLY A 97 2.82 -0.66 -4.27
CA GLY A 97 3.03 -1.75 -3.31
C GLY A 97 4.18 -2.66 -3.65
N LYS A 98 4.26 -3.13 -4.91
CA LYS A 98 5.39 -4.00 -5.25
C LYS A 98 6.70 -3.18 -5.34
N THR A 99 6.64 -1.95 -5.82
CA THR A 99 7.80 -1.08 -5.83
C THR A 99 8.39 -0.95 -4.41
N ARG A 100 7.50 -0.71 -3.47
CA ARG A 100 7.88 -0.65 -2.04
C ARG A 100 8.49 -1.96 -1.55
N ALA A 101 7.90 -3.11 -1.90
CA ALA A 101 8.43 -4.41 -1.48
C ALA A 101 9.81 -4.64 -2.05
N LEU A 102 10.01 -4.26 -3.30
CA LEU A 102 11.28 -4.54 -3.98
C LEU A 102 12.38 -3.56 -3.62
N HIS A 103 12.04 -2.28 -3.39
CA HIS A 103 13.05 -1.25 -3.15
C HIS A 103 13.04 -0.61 -1.77
N GLY A 104 11.86 -0.50 -1.16
CA GLY A 104 11.78 0.09 0.16
C GLY A 104 10.72 1.17 0.25
N THR A 105 10.71 1.85 1.40
CA THR A 105 9.72 2.88 1.70
C THR A 105 9.80 4.11 0.78
N HIS A 106 11.00 4.33 0.26
CA HIS A 106 11.29 5.46 -0.62
C HIS A 106 12.20 4.98 -1.74
N VAL A 107 12.16 5.71 -2.85
CA VAL A 107 12.95 5.35 -4.02
C VAL A 107 13.98 6.41 -4.41
N THR A 108 15.04 5.95 -5.05
CA THR A 108 16.11 6.82 -5.52
C THR A 108 16.82 6.22 -6.73
N THR A 109 17.90 6.88 -7.12
CA THR A 109 18.66 6.51 -8.30
C THR A 109 18.89 5.01 -8.38
N GLY A 110 18.58 4.45 -9.55
CA GLY A 110 18.82 3.06 -9.86
C GLY A 110 17.63 2.17 -9.58
N GLU A 111 16.64 2.71 -8.91
CA GLU A 111 15.42 1.94 -8.59
C GLU A 111 14.37 2.19 -9.65
N ARG A 112 13.35 1.32 -9.67
CA ARG A 112 12.37 1.32 -10.73
C ARG A 112 10.97 1.58 -10.15
N LEU A 113 10.11 2.11 -11.00
CA LEU A 113 8.66 2.16 -10.73
C LEU A 113 8.04 1.03 -11.54
N TRP A 114 7.43 0.07 -10.83
CA TRP A 114 6.97 -1.17 -11.39
C TRP A 114 5.48 -1.08 -11.65
N SER A 115 5.01 -1.78 -12.68
CA SER A 115 3.56 -1.74 -12.99
C SER A 115 2.79 -2.83 -12.22
N ASN A 116 1.47 -2.73 -12.29
CA ASN A 116 0.59 -3.60 -11.53
C ASN A 116 0.52 -5.03 -12.08
N LEU A 117 -0.04 -5.93 -11.29
CA LEU A 117 -0.28 -7.28 -11.74
C LEU A 117 -1.43 -7.21 -12.73
N PRO A 118 -1.38 -8.03 -13.80
CA PRO A 118 -0.43 -9.05 -14.18
C PRO A 118 0.74 -8.58 -15.03
N TYR A 119 0.90 -7.27 -15.22
CA TYR A 119 1.91 -6.74 -16.15
C TYR A 119 3.34 -6.71 -15.59
N LEU A 120 3.41 -6.44 -14.29
CA LEU A 120 4.62 -6.32 -13.45
C LEU A 120 5.91 -6.25 -14.28
N ARG A 121 6.19 -5.05 -14.75
CA ARG A 121 7.48 -4.73 -15.39
C ARG A 121 7.91 -3.32 -15.02
N PRO A 122 9.18 -3.01 -15.24
CA PRO A 122 9.62 -1.64 -15.03
C PRO A 122 8.95 -0.66 -15.98
N MSE A 123 8.37 0.41 -15.43
CA MSE A 123 7.78 1.50 -16.24
C MSE A 123 8.80 2.60 -16.45
O MSE A 123 8.84 3.25 -17.49
CB MSE A 123 6.52 2.09 -15.58
CG MSE A 123 5.54 1.07 -15.22
SE MSE A 123 3.93 1.77 -14.45
CE MSE A 123 3.12 2.40 -16.10
N ALA A 124 9.64 2.81 -15.43
CA ALA A 124 10.59 3.90 -15.43
C ALA A 124 11.68 3.57 -14.43
N THR A 125 12.88 4.11 -14.70
CA THR A 125 14.05 3.98 -13.87
C THR A 125 14.53 5.38 -13.48
N ILE A 126 14.75 5.60 -12.18
CA ILE A 126 15.29 6.84 -11.68
C ILE A 126 16.78 6.92 -12.02
N ILE A 127 17.18 7.96 -12.73
CA ILE A 127 18.58 8.10 -13.12
C ILE A 127 19.32 9.21 -12.41
N GLU A 128 18.61 10.17 -11.84
CA GLU A 128 19.26 11.20 -10.99
C GLU A 128 18.26 11.63 -9.93
N ASP A 129 18.79 11.90 -8.74
CA ASP A 129 18.01 12.39 -7.63
C ASP A 129 18.86 13.41 -6.89
N THR A 130 18.55 14.69 -7.05
CA THR A 130 19.39 15.71 -6.45
C THR A 130 19.31 15.77 -4.92
N LEU A 131 18.27 15.16 -4.36
CA LEU A 131 18.13 14.99 -2.91
C LEU A 131 18.71 13.67 -2.38
N GLY A 132 19.52 12.98 -3.20
CA GLY A 132 20.04 11.66 -2.83
C GLY A 132 20.91 11.71 -1.58
N TRP A 133 21.40 12.89 -1.25
CA TRP A 133 22.20 13.06 -0.05
C TRP A 133 21.36 12.87 1.21
N TYR A 134 20.03 12.98 1.12
CA TYR A 134 19.22 13.10 2.34
C TYR A 134 19.29 11.85 3.20
N GLY A 135 19.17 10.70 2.55
CA GLY A 135 19.21 9.40 3.23
C GLY A 135 18.02 9.18 4.14
N ILE A 136 18.28 8.72 5.36
CA ILE A 136 17.25 8.50 6.35
C ILE A 136 17.63 9.34 7.56
N ASP A 137 16.74 10.26 7.92
CA ASP A 137 16.99 11.16 9.04
C ASP A 137 16.75 10.44 10.40
N GLN A 138 17.01 11.19 11.47
CA GLN A 138 16.97 10.64 12.81
CA GLN A 138 16.96 10.64 12.80
C GLN A 138 15.57 10.16 13.22
N TYR A 139 14.52 10.57 12.48
CA TYR A 139 13.15 10.18 12.77
C TYR A 139 12.67 9.03 11.92
N GLY A 140 13.48 8.62 10.96
CA GLY A 140 13.08 7.64 9.94
C GLY A 140 12.55 8.22 8.65
N GLY A 141 12.81 9.49 8.42
CA GLY A 141 12.28 10.20 7.27
C GLY A 141 13.21 10.13 6.09
N SER A 142 12.62 10.00 4.91
CA SER A 142 13.32 10.01 3.63
C SER A 142 12.42 10.70 2.62
N VAL A 143 12.97 11.00 1.44
CA VAL A 143 12.19 11.68 0.39
CA VAL A 143 12.24 11.68 0.37
C VAL A 143 11.81 10.71 -0.73
N HIS A 144 10.71 11.02 -1.41
CA HIS A 144 10.20 10.27 -2.57
C HIS A 144 9.56 8.96 -2.16
N ASP A 145 8.39 9.07 -1.54
CA ASP A 145 7.83 7.93 -0.83
C ASP A 145 6.92 7.11 -1.71
N VAL A 146 6.90 5.83 -1.42
CA VAL A 146 5.95 4.88 -2.01
C VAL A 146 5.20 4.17 -0.87
N ILE A 147 4.91 4.95 0.16
CA ILE A 147 4.18 4.45 1.36
C ILE A 147 2.84 5.15 1.61
N GLY A 148 2.66 6.36 1.11
CA GLY A 148 1.34 7.05 1.20
C GLY A 148 0.40 6.58 0.08
N THR A 149 -0.80 7.14 0.00
CA THR A 149 -1.70 6.81 -1.12
C THR A 149 -1.92 8.00 -2.06
N ARG A 150 -2.18 9.13 -1.44
CA ARG A 150 -2.45 10.42 -2.06
C ARG A 150 -3.48 11.08 -1.17
N CYS A 151 -3.35 12.37 -0.97
CA CYS A 151 -4.42 13.08 -0.25
C CYS A 151 -5.66 13.01 -1.11
N ASP A 152 -6.81 12.92 -0.45
CA ASP A 152 -8.02 12.62 -1.19
C ASP A 152 -9.24 13.21 -0.46
N PRO A 153 -10.30 13.53 -1.23
CA PRO A 153 -11.47 14.23 -0.66
C PRO A 153 -12.35 13.35 0.22
N TYR A 154 -12.25 12.05 0.02
CA TYR A 154 -13.07 11.09 0.83
C TYR A 154 -12.52 11.05 2.25
N THR A 155 -11.20 11.01 2.39
CA THR A 155 -10.59 11.04 3.71
C THR A 155 -10.87 12.39 4.36
N GLY A 156 -10.78 13.44 3.55
CA GLY A 156 -11.09 14.77 4.05
C GLY A 156 -12.50 14.84 4.60
N ASN A 157 -13.45 14.34 3.82
CA ASN A 157 -14.86 14.33 4.24
C ASN A 157 -15.06 13.47 5.51
N LEU A 158 -14.39 12.33 5.55
CA LEU A 158 -14.47 11.42 6.69
C LEU A 158 -14.01 12.11 7.99
N LEU A 159 -12.86 12.78 7.92
CA LEU A 159 -12.19 13.29 9.11
C LEU A 159 -12.62 14.70 9.50
N ALA A 160 -12.92 15.54 8.52
CA ALA A 160 -13.22 16.97 8.76
C ALA A 160 -14.62 17.37 8.31
N GLY A 161 -15.29 16.49 7.58
CA GLY A 161 -16.50 16.90 6.93
C GLY A 161 -16.09 17.78 5.76
N GLY A 162 -17.06 18.14 4.99
CA GLY A 162 -16.86 19.01 3.89
C GLY A 162 -16.36 18.34 2.64
N HIS A 163 -16.20 19.18 1.63
CA HIS A 163 -15.97 18.77 0.25
C HIS A 163 -14.90 19.71 -0.30
N TYR A 164 -13.70 19.18 -0.43
CA TYR A 164 -12.58 19.92 -0.94
C TYR A 164 -12.15 19.24 -2.24
N HIS A 165 -12.00 20.04 -3.31
CA HIS A 165 -11.86 19.50 -4.65
C HIS A 165 -10.46 19.52 -5.26
N HIS A 166 -9.47 19.95 -4.50
CA HIS A 166 -8.11 20.04 -5.03
C HIS A 166 -7.10 19.20 -4.31
N CYS A 167 -7.59 18.13 -3.66
CA CYS A 167 -6.68 17.08 -3.18
C CYS A 167 -6.06 16.39 -4.41
N CYS A 168 -4.93 15.73 -4.22
CA CYS A 168 -4.24 15.11 -5.33
C CYS A 168 -5.08 14.07 -6.05
N HIS A 169 -5.85 13.29 -5.30
CA HIS A 169 -6.73 12.31 -5.93
C HIS A 169 -7.64 12.98 -6.98
N SER A 170 -8.25 14.12 -6.62
CA SER A 170 -9.14 14.82 -7.54
C SER A 170 -8.36 15.48 -8.68
N ASN A 171 -7.20 16.06 -8.36
CA ASN A 171 -6.39 16.73 -9.38
C ASN A 171 -5.95 15.72 -10.46
N LEU A 172 -5.53 14.54 -10.01
CA LEU A 172 -5.14 13.45 -10.95
C LEU A 172 -6.36 13.00 -11.75
N THR A 173 -7.53 12.91 -11.11
CA THR A 173 -8.74 12.45 -11.77
C THR A 173 -9.13 13.39 -12.92
N ARG A 174 -9.21 14.69 -12.64
CA ARG A 174 -9.52 15.67 -13.70
C ARG A 174 -8.48 15.69 -14.80
N ALA A 175 -7.21 15.63 -14.41
CA ALA A 175 -6.14 15.66 -15.41
C ALA A 175 -6.25 14.47 -16.37
N LEU A 176 -6.47 13.29 -15.84
CA LEU A 176 -6.56 12.05 -16.63
C LEU A 176 -7.78 12.09 -17.55
N ALA A 177 -8.91 12.49 -16.98
CA ALA A 177 -10.14 12.64 -17.76
C ALA A 177 -9.98 13.62 -18.91
N ASP A 178 -9.43 14.79 -18.61
CA ASP A 178 -9.23 15.84 -19.58
C ASP A 178 -8.27 15.41 -20.68
N HIS A 179 -7.19 14.72 -20.33
CA HIS A 179 -6.23 14.26 -21.35
C HIS A 179 -6.77 13.18 -22.24
N THR A 180 -7.47 12.22 -21.64
CA THR A 180 -7.90 11.01 -22.34
C THR A 180 -9.33 11.08 -22.91
N GLY A 181 -10.11 12.06 -22.45
CA GLY A 181 -11.51 12.13 -22.80
C GLY A 181 -12.38 11.10 -22.12
N LEU A 182 -11.82 10.34 -21.17
CA LEU A 182 -12.59 9.41 -20.38
C LEU A 182 -13.58 10.18 -19.52
N PRO A 183 -14.78 9.59 -19.27
CA PRO A 183 -15.66 10.25 -18.29
C PRO A 183 -14.97 10.33 -16.91
N LEU A 184 -15.28 11.39 -16.16
CA LEU A 184 -14.56 11.70 -14.93
C LEU A 184 -14.50 10.53 -13.94
N HIS A 185 -15.63 9.86 -13.71
CA HIS A 185 -15.63 8.79 -12.74
C HIS A 185 -14.99 7.51 -13.26
N GLU A 186 -14.87 7.38 -14.58
CA GLU A 186 -14.14 6.25 -15.16
CA GLU A 186 -14.14 6.26 -15.18
C GLU A 186 -12.63 6.49 -15.00
N ALA A 187 -12.22 7.72 -15.30
CA ALA A 187 -10.81 8.15 -15.06
C ALA A 187 -10.46 7.99 -13.58
N GLU A 188 -11.40 8.34 -12.69
CA GLU A 188 -11.13 8.21 -11.28
C GLU A 188 -10.70 6.80 -10.82
N MSE A 189 -11.30 5.78 -11.41
CA MSE A 189 -11.03 4.43 -10.98
C MSE A 189 -9.64 3.94 -11.47
O MSE A 189 -9.14 2.92 -11.01
CB MSE A 189 -12.17 3.45 -11.37
CG MSE A 189 -13.52 3.44 -10.45
SE MSE A 189 -13.39 4.07 -8.61
CE MSE A 189 -13.71 5.91 -8.94
N LEU A 190 -9.03 4.69 -12.38
CA LEU A 190 -7.66 4.36 -12.83
C LEU A 190 -6.59 5.11 -12.06
N VAL A 191 -6.96 6.19 -11.34
CA VAL A 191 -6.03 6.85 -10.45
C VAL A 191 -5.58 5.85 -9.38
N HIS A 192 -4.31 5.94 -9.02
CA HIS A 192 -3.69 4.93 -8.19
C HIS A 192 -2.72 5.50 -7.14
N ASP A 193 -2.27 4.63 -6.23
CA ASP A 193 -1.38 5.07 -5.16
C ASP A 193 -0.13 5.70 -5.80
N VAL A 194 0.30 6.82 -5.24
CA VAL A 194 1.26 7.70 -5.93
C VAL A 194 2.72 7.43 -5.54
N LEU A 195 3.62 7.95 -6.37
CA LEU A 195 4.96 8.27 -5.95
C LEU A 195 4.93 9.71 -5.43
N ASN A 196 5.32 9.89 -4.17
CA ASN A 196 5.28 11.19 -3.49
C ASN A 196 6.62 11.90 -3.68
N VAL A 197 6.75 12.54 -4.83
CA VAL A 197 7.99 13.15 -5.24
C VAL A 197 8.30 14.37 -4.35
N PHE A 198 9.49 14.35 -3.81
CA PHE A 198 9.99 15.39 -2.92
C PHE A 198 9.42 15.31 -1.52
N MSE A 199 8.45 14.46 -1.25
CA MSE A 199 7.82 14.45 0.07
C MSE A 199 8.73 13.73 1.02
O MSE A 199 9.31 12.68 0.69
CB MSE A 199 6.40 13.82 0.08
CG MSE A 199 5.45 14.27 1.23
SE MSE A 199 3.88 13.22 1.05
CE MSE A 199 3.12 13.68 2.73
N CYS A 200 8.86 14.29 2.23
CA CYS A 200 9.70 13.78 3.28
C CYS A 200 8.84 13.15 4.36
N THR A 201 8.91 11.84 4.49
CA THR A 201 7.97 11.08 5.29
C THR A 201 8.62 9.81 5.80
N GLY A 202 7.91 9.13 6.70
CA GLY A 202 8.38 7.86 7.23
C GLY A 202 7.34 7.27 8.16
N PHE A 203 7.73 6.24 8.88
CA PHE A 203 6.90 5.72 9.95
C PHE A 203 7.58 5.97 11.29
N THR A 204 6.81 6.43 12.27
CA THR A 204 7.41 6.77 13.56
C THR A 204 8.02 5.52 14.19
N ARG A 205 9.14 5.72 14.88
CA ARG A 205 9.84 4.60 15.46
C ARG A 205 9.09 3.97 16.68
N ASP A 206 8.30 4.79 17.37
CA ASP A 206 7.61 4.36 18.59
C ASP A 206 6.23 3.78 18.38
N THR A 207 5.54 4.23 17.33
CA THR A 207 4.18 3.75 17.06
C THR A 207 3.94 3.26 15.63
N GLY A 208 4.91 3.40 14.72
CA GLY A 208 4.69 2.98 13.35
C GLY A 208 3.67 3.74 12.53
N GLN A 209 3.41 5.00 12.95
CA GLN A 209 2.47 5.84 12.27
C GLN A 209 3.12 6.62 11.15
N TYR A 210 2.34 6.85 10.10
CA TYR A 210 2.81 7.62 8.95
C TYR A 210 2.95 9.08 9.30
N PHE A 211 4.16 9.61 9.12
CA PHE A 211 4.41 11.02 9.36
C PHE A 211 4.98 11.74 8.14
N MSE A 212 4.86 13.06 8.15
CA MSE A 212 5.44 13.93 7.13
C MSE A 212 6.26 15.02 7.83
O MSE A 212 6.17 15.19 9.04
CB MSE A 212 4.37 14.60 6.26
CG MSE A 212 3.56 15.59 7.01
SE MSE A 212 2.02 16.12 6.00
CE MSE A 212 1.80 17.82 6.88
N LYS A 213 7.07 15.74 7.08
CA LYS A 213 7.82 16.83 7.64
C LYS A 213 8.18 17.73 6.50
N ALA A 214 8.47 18.99 6.80
CA ALA A 214 8.84 19.94 5.74
C ALA A 214 9.81 19.35 4.76
N SER A 215 9.51 19.48 3.46
CA SER A 215 10.38 18.86 2.47
C SER A 215 11.74 19.56 2.42
N PRO A 216 12.85 18.78 2.22
CA PRO A 216 14.14 19.43 2.00
C PRO A 216 14.33 19.95 0.56
N VAL A 217 13.33 19.79 -0.30
CA VAL A 217 13.44 20.26 -1.67
C VAL A 217 13.59 21.78 -1.72
N ARG A 218 14.39 22.27 -2.67
CA ARG A 218 14.51 23.71 -2.93
C ARG A 218 14.48 23.89 -4.44
N PRO A 219 14.09 25.08 -4.91
CA PRO A 219 14.12 25.35 -6.34
C PRO A 219 15.47 24.96 -6.96
N GLY A 220 15.45 24.24 -8.07
CA GLY A 220 16.67 23.72 -8.67
C GLY A 220 16.80 22.20 -8.53
N ASP A 221 16.28 21.66 -7.42
CA ASP A 221 16.28 20.24 -7.20
C ASP A 221 15.40 19.54 -8.24
N TYR A 222 15.75 18.30 -8.55
CA TYR A 222 14.97 17.50 -9.46
C TYR A 222 15.13 16.02 -9.23
N LEU A 223 14.19 15.28 -9.80
CA LEU A 223 14.17 13.81 -9.88
C LEU A 223 13.96 13.47 -11.33
N GLU A 224 14.91 12.74 -11.92
CA GLU A 224 14.88 12.45 -13.35
C GLU A 224 14.78 10.96 -13.58
N PHE A 225 13.93 10.63 -14.58
CA PHE A 225 13.58 9.27 -14.94
C PHE A 225 13.89 8.93 -16.40
N PHE A 226 14.20 7.67 -16.62
CA PHE A 226 14.23 7.03 -17.94
C PHE A 226 12.95 6.26 -18.14
N ALA A 227 12.22 6.54 -19.22
CA ALA A 227 10.99 5.85 -19.55
C ALA A 227 11.30 4.50 -20.18
N GLU A 228 10.88 3.42 -19.49
CA GLU A 228 11.17 2.06 -19.99
C GLU A 228 10.18 1.63 -21.08
N ILE A 229 8.97 2.15 -20.98
CA ILE A 229 7.87 1.86 -21.93
C ILE A 229 7.25 3.22 -22.28
N ASP A 230 6.40 3.28 -23.31
CA ASP A 230 5.65 4.50 -23.57
C ASP A 230 4.71 4.79 -22.39
N LEU A 231 4.79 6.02 -21.88
CA LEU A 231 4.05 6.42 -20.68
C LEU A 231 3.09 7.57 -20.84
N LEU A 232 1.96 7.47 -20.15
CA LEU A 232 1.18 8.66 -19.81
C LEU A 232 1.44 8.95 -18.33
N GLY A 233 2.19 10.03 -18.06
CA GLY A 233 2.39 10.49 -16.67
C GLY A 233 1.29 11.41 -16.29
N ASN A 234 1.12 11.56 -14.98
CA ASN A 234 0.04 12.39 -14.43
C ASN A 234 0.56 12.86 -13.09
N LEU A 235 0.70 14.18 -12.93
CA LEU A 235 1.40 14.78 -11.79
C LEU A 235 0.54 15.84 -11.16
N SER A 236 0.34 15.73 -9.86
CA SER A 236 -0.39 16.73 -9.07
C SER A 236 0.52 17.53 -8.14
N ALA A 237 0.40 18.87 -8.18
CA ALA A 237 1.10 19.71 -7.22
C ALA A 237 0.23 19.80 -5.96
N CYS A 238 0.62 19.03 -4.96
CA CYS A 238 -0.22 18.75 -3.77
C CYS A 238 -0.60 20.02 -3.01
N PRO A 239 -1.86 20.12 -2.52
CA PRO A 239 -2.23 21.33 -1.76
C PRO A 239 -1.52 21.42 -0.42
N GLY A 240 -0.79 20.38 -0.01
CA GLY A 240 0.05 20.42 1.16
C GLY A 240 1.32 21.29 1.02
N GLY A 241 1.60 21.75 -0.19
CA GLY A 241 2.83 22.51 -0.46
C GLY A 241 4.07 21.68 -0.16
N ASP A 242 4.93 22.18 0.72
CA ASP A 242 6.11 21.42 1.17
C ASP A 242 5.79 20.44 2.29
N CYS A 243 4.52 20.33 2.65
CA CYS A 243 4.07 19.44 3.73
C CYS A 243 4.75 19.78 5.10
N SER A 244 4.97 21.06 5.34
CA SER A 244 5.58 21.55 6.58
C SER A 244 4.56 21.97 7.61
N SER A 245 3.28 21.82 7.31
CA SER A 245 2.22 22.30 8.22
C SER A 245 2.19 21.41 9.46
N GLU A 246 1.88 22.02 10.62
CA GLU A 246 1.86 21.29 11.89
C GLU A 246 0.44 21.13 12.46
N ALA A 252 -1.55 25.92 3.05
CA ALA A 252 -0.14 25.74 2.76
C ALA A 252 0.28 26.65 1.60
N SER A 253 1.53 27.11 1.63
CA SER A 253 2.11 27.89 0.52
C SER A 253 2.50 26.94 -0.60
N CYS A 254 1.85 27.09 -1.75
CA CYS A 254 2.02 26.11 -2.83
C CYS A 254 2.69 26.74 -4.04
N HIS A 255 3.33 25.88 -4.84
CA HIS A 255 4.15 26.30 -5.97
C HIS A 255 3.93 25.38 -7.15
N PRO A 256 4.29 25.84 -8.35
CA PRO A 256 4.16 24.94 -9.47
C PRO A 256 5.25 23.86 -9.44
N LEU A 257 5.08 22.87 -10.31
CA LEU A 257 6.13 21.87 -10.58
C LEU A 257 6.41 21.86 -12.09
N LEU A 258 7.65 21.60 -12.48
CA LEU A 258 8.01 21.62 -13.90
C LEU A 258 8.39 20.22 -14.37
N VAL A 259 7.67 19.70 -15.37
CA VAL A 259 8.03 18.44 -16.02
C VAL A 259 8.68 18.76 -17.38
N GLU A 260 9.86 18.22 -17.61
CA GLU A 260 10.55 18.39 -18.91
C GLU A 260 10.89 17.03 -19.48
N ILE A 261 10.76 16.91 -20.81
CA ILE A 261 10.98 15.70 -21.55
C ILE A 261 12.20 15.90 -22.45
N PHE A 262 13.10 14.91 -22.46
CA PHE A 262 14.31 14.90 -23.30
C PHE A 262 14.39 13.61 -24.12
N ALA A 263 14.91 13.69 -25.35
CA ALA A 263 15.03 12.51 -26.18
C ALA A 263 16.52 12.30 -26.53
N PRO A 264 17.01 11.05 -26.42
CA PRO A 264 18.42 10.80 -26.67
C PRO A 264 18.74 10.92 -28.15
N ALA A 265 20.01 11.15 -28.45
CA ALA A 265 20.49 11.10 -29.83
C ALA A 265 20.28 9.72 -30.39
N GLU A 266 20.17 9.66 -31.72
CA GLU A 266 19.92 8.39 -32.38
C GLU A 266 21.00 7.37 -32.07
N GLY A 267 20.60 6.14 -31.81
CA GLY A 267 21.53 5.04 -31.53
C GLY A 267 22.08 4.94 -30.10
N MSE A 268 21.79 5.94 -29.28
CA MSE A 268 22.40 6.02 -27.97
C MSE A 268 21.90 5.00 -26.94
O MSE A 268 22.50 4.85 -25.87
CB MSE A 268 22.31 7.45 -27.41
CG MSE A 268 23.26 8.43 -28.09
SE MSE A 268 25.13 7.91 -27.83
CE MSE A 268 25.30 8.11 -25.90
N LEU A 269 20.82 4.28 -27.23
CA LEU A 269 20.40 3.24 -26.33
C LEU A 269 20.91 1.85 -26.73
N GLY A 270 21.75 1.77 -27.76
CA GLY A 270 22.38 0.50 -28.10
C GLY A 270 21.40 -0.64 -28.24
N ASP A 271 21.65 -1.72 -27.50
CA ASP A 271 20.82 -2.93 -27.55
C ASP A 271 19.85 -3.04 -26.37
N TRP A 272 19.62 -1.93 -25.69
CA TRP A 272 18.62 -1.93 -24.60
C TRP A 272 17.26 -2.34 -25.16
N PRO A 273 16.63 -3.38 -24.56
CA PRO A 273 15.28 -3.72 -24.94
C PRO A 273 14.25 -3.14 -23.97
N SER A 274 13.19 -2.54 -24.50
CA SER A 274 12.05 -2.13 -23.67
C SER A 274 11.45 -3.38 -23.04
N PRO A 275 11.28 -3.38 -21.70
CA PRO A 275 10.80 -4.57 -21.01
C PRO A 275 9.43 -5.01 -21.48
N SER A 276 9.29 -6.32 -21.57
CA SER A 276 8.05 -6.91 -21.89
C SER A 276 7.24 -7.17 -20.64
N VAL A 277 5.95 -7.42 -20.85
CA VAL A 277 5.10 -7.76 -19.71
C VAL A 277 5.56 -9.03 -19.08
N ASN A 278 5.24 -9.16 -17.80
CA ASN A 278 5.65 -10.31 -17.04
C ASN A 278 5.29 -11.63 -17.71
N GLY A 279 6.17 -12.60 -17.52
CA GLY A 279 6.08 -13.88 -18.21
C GLY A 279 5.32 -15.00 -17.53
N TYR A 280 4.82 -14.78 -16.32
CA TYR A 280 4.03 -15.82 -15.65
C TYR A 280 2.88 -16.30 -16.53
N ASP A 281 2.60 -17.62 -16.51
CA ASP A 281 1.64 -18.18 -17.44
C ASP A 281 0.14 -17.79 -17.22
N ARG A 282 -0.11 -17.14 -16.07
CA ARG A 282 -1.41 -16.64 -15.64
CA ARG A 282 -1.42 -16.64 -15.65
C ARG A 282 -2.47 -17.73 -15.46
N SER A 283 -2.05 -18.98 -15.34
CA SER A 283 -3.00 -20.07 -15.17
C SER A 283 -3.56 -20.18 -13.74
N HIS A 284 -2.76 -19.81 -12.73
CA HIS A 284 -3.12 -19.98 -11.33
C HIS A 284 -3.40 -21.45 -11.03
N GLY A 285 -2.78 -22.35 -11.81
CA GLY A 285 -2.95 -23.77 -11.57
C GLY A 285 -4.17 -24.40 -12.21
N ARG A 286 -4.93 -23.60 -12.94
CA ARG A 286 -6.15 -24.07 -13.62
C ARG A 286 -5.88 -24.21 -15.10
C ASP B 8 25.63 16.89 -1.41
N ALA B 9 25.88 17.26 -0.16
CA ALA B 9 24.82 17.87 0.69
C ALA B 9 24.91 19.39 0.87
N PRO B 10 23.74 20.05 0.91
CA PRO B 10 23.79 21.48 1.16
C PRO B 10 24.28 21.82 2.56
N LEU B 11 24.73 23.05 2.72
CA LEU B 11 25.31 23.47 3.99
C LEU B 11 24.34 23.43 5.16
N ASP B 12 23.03 23.48 4.87
CA ASP B 12 22.02 23.39 5.92
C ASP B 12 21.37 21.99 5.97
N ALA B 13 22.06 20.96 5.46
CA ALA B 13 21.56 19.56 5.50
C ALA B 13 21.10 19.15 6.90
N ASP B 14 21.93 19.46 7.92
CA ASP B 14 21.58 19.05 9.29
C ASP B 14 20.27 19.66 9.76
N ALA B 15 20.01 20.93 9.45
CA ALA B 15 18.78 21.61 9.84
C ALA B 15 17.60 20.94 9.14
N ARG B 16 17.78 20.64 7.85
CA ARG B 16 16.72 20.03 7.10
C ARG B 16 16.35 18.66 7.69
N ARG B 17 17.37 17.86 8.02
CA ARG B 17 17.12 16.54 8.62
C ARG B 17 16.52 16.65 10.01
N ALA B 18 16.78 17.76 10.71
CA ALA B 18 16.35 17.88 12.09
C ALA B 18 14.90 18.35 12.25
N VAL B 19 14.28 18.88 11.20
CA VAL B 19 12.87 19.28 11.22
C VAL B 19 12.00 18.11 11.69
N LYS B 20 11.15 18.40 12.65
CA LYS B 20 10.43 17.35 13.37
C LYS B 20 9.21 16.75 12.63
N PRO B 21 8.95 15.45 12.86
CA PRO B 21 7.79 14.80 12.20
C PRO B 21 6.46 15.34 12.70
N VAL B 22 5.48 15.30 11.81
CA VAL B 22 4.09 15.58 12.11
C VAL B 22 3.34 14.36 11.62
N ILE B 23 2.59 13.73 12.53
CA ILE B 23 1.79 12.58 12.14
C ILE B 23 0.70 13.05 11.19
N CYS B 24 0.53 12.34 10.07
CA CYS B 24 -0.35 12.77 8.99
C CYS B 24 -1.80 12.74 9.42
N TYR B 25 -2.20 11.65 10.08
CA TYR B 25 -3.55 11.46 10.54
C TYR B 25 -3.52 11.11 12.02
N PRO B 26 -3.51 12.15 12.89
CA PRO B 26 -3.39 11.87 14.30
C PRO B 26 -4.59 11.03 14.82
N ASN B 27 -4.32 10.22 15.83
CA ASN B 27 -5.32 9.34 16.41
C ASN B 27 -6.57 10.07 16.88
N ASP B 28 -6.41 11.28 17.40
CA ASP B 28 -7.59 11.98 17.92
C ASP B 28 -8.51 12.51 16.80
N SER B 29 -8.06 12.41 15.55
CA SER B 29 -8.88 12.82 14.43
C SER B 29 -9.81 11.69 13.97
N LEU B 30 -9.55 10.47 14.43
CA LEU B 30 -10.26 9.32 13.88
C LEU B 30 -11.60 9.15 14.59
N PRO B 31 -12.59 8.59 13.88
CA PRO B 31 -13.83 8.26 14.60
C PRO B 31 -13.54 7.11 15.56
N ARG B 32 -14.23 7.09 16.69
CA ARG B 32 -13.94 6.13 17.75
C ARG B 32 -14.97 5.00 17.67
N PRO B 33 -14.56 3.77 17.35
CA PRO B 33 -15.56 2.69 17.41
C PRO B 33 -16.00 2.35 18.85
N ASP B 34 -17.20 1.82 18.98
CA ASP B 34 -17.75 1.47 20.28
C ASP B 34 -17.31 0.06 20.63
N LEU B 35 -16.06 -0.06 21.05
CA LEU B 35 -15.47 -1.37 21.35
CA LEU B 35 -15.47 -1.38 21.31
C LEU B 35 -16.17 -2.05 22.51
N ALA B 36 -16.66 -1.25 23.45
CA ALA B 36 -17.36 -1.81 24.61
C ALA B 36 -18.63 -2.53 24.16
N LEU B 37 -19.36 -1.89 23.26
CA LEU B 37 -20.60 -2.44 22.72
C LEU B 37 -20.29 -3.71 21.96
N TYR B 38 -19.27 -3.66 21.11
CA TYR B 38 -18.88 -4.84 20.33
C TYR B 38 -18.48 -6.02 21.21
N ARG B 39 -17.70 -5.77 22.24
CA ARG B 39 -17.25 -6.80 23.17
C ARG B 39 -18.39 -7.42 23.96
N ALA B 40 -19.34 -6.60 24.40
CA ALA B 40 -20.51 -7.12 25.13
C ALA B 40 -21.34 -8.01 24.22
N ALA B 41 -21.51 -7.54 22.98
CA ALA B 41 -22.18 -8.32 21.93
C ALA B 41 -21.46 -9.64 21.66
N ARG B 42 -20.13 -9.61 21.61
CA ARG B 42 -19.36 -10.83 21.36
C ARG B 42 -19.50 -11.86 22.52
N ALA B 43 -19.61 -11.36 23.74
CA ALA B 43 -19.74 -12.21 24.92
C ALA B 43 -21.08 -12.97 24.82
N SER B 44 -22.07 -12.39 24.14
CA SER B 44 -23.41 -12.95 23.94
C SER B 44 -23.47 -14.00 22.81
N ALA B 45 -22.40 -14.03 22.01
CA ALA B 45 -22.47 -14.62 20.68
C ALA B 45 -22.41 -16.12 20.68
N ARG B 46 -23.01 -16.69 19.64
CA ARG B 46 -22.94 -18.11 19.35
C ARG B 46 -22.20 -18.32 18.02
N LYS B 47 -21.44 -19.39 17.95
CA LYS B 47 -20.79 -19.82 16.70
C LYS B 47 -21.85 -20.17 15.66
N THR B 48 -21.67 -19.69 14.43
CA THR B 48 -22.61 -20.01 13.37
C THR B 48 -21.96 -20.78 12.19
N GLY B 49 -20.64 -20.83 12.15
CA GLY B 49 -19.98 -21.55 11.06
C GLY B 49 -18.49 -21.46 11.15
N GLU B 50 -17.83 -22.17 10.25
CA GLU B 50 -16.37 -22.12 10.18
C GLU B 50 -15.90 -22.49 8.80
N VAL B 51 -14.68 -22.08 8.49
CA VAL B 51 -14.04 -22.52 7.25
C VAL B 51 -12.60 -22.85 7.64
N LEU B 52 -12.13 -24.05 7.32
CA LEU B 52 -10.72 -24.42 7.50
C LEU B 52 -10.03 -24.19 6.17
N VAL B 53 -9.02 -23.33 6.18
CA VAL B 53 -8.26 -23.04 4.98
C VAL B 53 -7.05 -23.94 4.94
N PRO B 54 -6.97 -24.87 3.97
CA PRO B 54 -5.80 -25.76 3.93
C PRO B 54 -4.50 -25.02 3.59
N PRO B 55 -3.35 -25.61 3.96
CA PRO B 55 -2.09 -24.98 3.63
C PRO B 55 -2.00 -24.73 2.13
N ARG B 56 -1.48 -23.54 1.78
CA ARG B 56 -1.23 -23.15 0.39
C ARG B 56 -2.49 -23.06 -0.47
N GLU B 57 -3.62 -22.82 0.19
CA GLU B 57 -4.90 -22.64 -0.48
C GLU B 57 -5.59 -21.38 0.04
N GLY B 58 -6.62 -20.96 -0.69
CA GLY B 58 -7.51 -19.90 -0.26
C GLY B 58 -8.95 -20.39 -0.12
N ARG B 59 -9.70 -19.72 0.73
CA ARG B 59 -11.13 -19.93 0.89
C ARG B 59 -11.83 -18.62 1.19
N CYS B 60 -13.02 -18.47 0.62
CA CYS B 60 -13.91 -17.36 0.96
C CYS B 60 -14.85 -17.75 2.07
N PHE B 61 -15.30 -16.73 2.81
CA PHE B 61 -16.34 -16.89 3.79
C PHE B 61 -17.24 -15.66 3.82
N GLU B 62 -18.48 -15.83 4.25
CA GLU B 62 -19.42 -14.71 4.35
C GLU B 62 -19.71 -14.37 5.79
N VAL B 63 -19.76 -13.08 6.10
CA VAL B 63 -20.06 -12.59 7.43
C VAL B 63 -21.05 -11.45 7.32
N LYS B 64 -22.14 -11.49 8.08
CA LYS B 64 -23.11 -10.38 8.05
C LYS B 64 -22.70 -9.22 8.93
N ALA B 65 -23.10 -8.02 8.56
CA ALA B 65 -22.91 -6.84 9.41
C ALA B 65 -23.36 -7.15 10.83
N GLY B 66 -22.53 -6.82 11.82
CA GLY B 66 -22.87 -7.08 13.21
C GLY B 66 -22.44 -8.41 13.77
N GLN B 67 -21.93 -9.28 12.89
CA GLN B 67 -21.36 -10.55 13.30
C GLN B 67 -19.88 -10.42 13.46
N PHE B 68 -19.26 -11.50 13.91
CA PHE B 68 -17.85 -11.53 14.17
C PHE B 68 -17.17 -12.62 13.38
N PHE B 69 -15.92 -12.40 13.00
CA PHE B 69 -15.10 -13.46 12.45
C PHE B 69 -13.75 -13.51 13.12
N ARG B 70 -13.33 -14.74 13.42
CA ARG B 70 -12.06 -14.99 14.09
C ARG B 70 -11.18 -15.81 13.17
N ILE B 71 -9.90 -15.45 13.10
CA ILE B 71 -8.90 -16.23 12.34
C ILE B 71 -7.97 -16.76 13.42
N SER B 72 -7.87 -18.09 13.50
CA SER B 72 -7.07 -18.77 14.51
C SER B 72 -5.94 -19.60 13.94
N SER B 73 -4.84 -19.61 14.70
CA SER B 73 -3.71 -20.45 14.44
C SER B 73 -4.04 -21.88 14.92
N VAL B 74 -3.76 -22.85 14.06
CA VAL B 74 -4.03 -24.26 14.35
C VAL B 74 -2.88 -25.10 13.83
N GLU B 75 -2.56 -26.17 14.56
CA GLU B 75 -1.54 -27.15 14.18
C GLU B 75 -0.11 -26.65 14.20
N GLY B 76 0.15 -25.48 13.64
CA GLY B 76 1.48 -24.90 13.76
C GLY B 76 1.45 -23.47 13.26
N PRO B 77 2.54 -22.73 13.43
CA PRO B 77 2.60 -21.32 13.06
C PRO B 77 2.53 -21.10 11.53
N GLN B 78 1.61 -20.22 11.15
CA GLN B 78 1.24 -20.01 9.80
C GLN B 78 0.66 -18.60 9.64
N VAL B 79 1.08 -17.88 8.60
CA VAL B 79 0.54 -16.53 8.33
C VAL B 79 -0.55 -16.62 7.28
N GLY B 80 -1.49 -15.69 7.38
CA GLY B 80 -2.60 -15.63 6.43
C GLY B 80 -2.67 -14.31 5.71
N ASP B 81 -3.13 -14.37 4.47
CA ASP B 81 -3.30 -13.18 3.66
C ASP B 81 -4.79 -12.98 3.48
N LEU B 82 -5.30 -11.88 4.00
CA LEU B 82 -6.72 -11.59 4.01
C LEU B 82 -7.12 -10.53 3.00
N ASN B 83 -8.21 -10.80 2.28
CA ASN B 83 -8.91 -9.81 1.42
C ASN B 83 -10.35 -9.70 1.94
N LEU B 84 -10.96 -8.54 1.73
CA LEU B 84 -12.36 -8.30 2.10
C LEU B 84 -13.04 -7.55 1.00
N HIS B 85 -14.29 -7.96 0.75
CA HIS B 85 -15.19 -7.27 -0.16
C HIS B 85 -16.51 -7.00 0.54
N ASN B 86 -17.19 -5.92 0.14
CA ASN B 86 -18.62 -5.80 0.38
C ASN B 86 -19.30 -6.99 -0.30
N LEU B 87 -20.00 -7.79 0.50
CA LEU B 87 -20.68 -8.99 0.03
C LEU B 87 -21.58 -8.71 -1.18
N HIS B 88 -22.18 -7.52 -1.20
CA HIS B 88 -23.14 -7.12 -2.23
C HIS B 88 -22.55 -6.23 -3.30
N ASP B 89 -21.25 -5.95 -3.23
CA ASP B 89 -20.63 -5.10 -4.22
C ASP B 89 -19.15 -5.34 -4.15
N LEU B 90 -18.68 -6.26 -4.97
CA LEU B 90 -17.26 -6.67 -4.87
C LEU B 90 -16.27 -5.57 -5.17
N THR B 91 -16.70 -4.55 -5.89
CA THR B 91 -15.80 -3.45 -6.24
CA THR B 91 -15.84 -3.41 -6.24
C THR B 91 -15.39 -2.69 -4.97
N GLU B 92 -16.22 -2.70 -3.92
CA GLU B 92 -15.85 -2.10 -2.63
C GLU B 92 -15.05 -3.14 -1.87
N ARG B 93 -13.77 -2.85 -1.61
CA ARG B 93 -12.90 -3.83 -1.04
CA ARG B 93 -12.90 -3.83 -1.03
C ARG B 93 -11.86 -3.15 -0.17
N PHE B 94 -11.17 -3.97 0.60
CA PHE B 94 -10.16 -3.49 1.52
C PHE B 94 -9.10 -2.64 0.89
N PHE B 95 -8.79 -1.53 1.56
CA PHE B 95 -7.84 -0.53 1.07
C PHE B 95 -6.69 -0.46 2.05
N SER B 96 -5.66 -1.26 1.81
CA SER B 96 -4.59 -1.30 2.80
CA SER B 96 -4.51 -1.33 2.70
C SER B 96 -3.87 0.05 2.90
N GLY B 97 -3.78 0.79 1.81
CA GLY B 97 -3.02 2.04 1.79
C GLY B 97 -3.63 3.09 2.70
N LYS B 98 -4.96 3.27 2.67
CA LYS B 98 -5.52 4.28 3.62
C LYS B 98 -5.57 3.72 5.04
N THR B 99 -5.77 2.41 5.19
CA THR B 99 -5.71 1.78 6.50
C THR B 99 -4.32 2.05 7.17
N ARG B 100 -3.29 1.90 6.37
CA ARG B 100 -1.93 2.20 6.78
C ARG B 100 -1.75 3.68 7.14
N ALA B 101 -2.26 4.57 6.30
CA ALA B 101 -2.13 6.02 6.59
C ALA B 101 -2.85 6.40 7.90
N LEU B 102 -4.01 5.80 8.14
CA LEU B 102 -4.82 6.14 9.32
C LEU B 102 -4.27 5.52 10.59
N HIS B 103 -3.82 4.27 10.47
CA HIS B 103 -3.48 3.49 11.66
C HIS B 103 -1.98 3.17 11.83
N GLY B 104 -1.29 2.92 10.73
CA GLY B 104 0.14 2.68 10.75
C GLY B 104 0.48 1.43 9.97
N THR B 105 1.74 1.03 10.10
CA THR B 105 2.26 -0.10 9.32
C THR B 105 1.58 -1.43 9.58
N HIS B 106 1.04 -1.57 10.77
CA HIS B 106 0.40 -2.83 11.23
C HIS B 106 -0.85 -2.46 12.04
N VAL B 107 -1.79 -3.38 12.15
CA VAL B 107 -3.07 -3.07 12.81
C VAL B 107 -3.29 -3.98 14.01
N THR B 108 -4.06 -3.49 14.98
CA THR B 108 -4.40 -4.24 16.18
C THR B 108 -5.74 -3.77 16.73
N THR B 109 -6.12 -4.28 17.90
CA THR B 109 -7.39 -4.00 18.54
C THR B 109 -7.74 -2.51 18.55
N GLY B 110 -8.97 -2.25 18.09
CA GLY B 110 -9.56 -0.93 18.08
C GLY B 110 -9.41 -0.23 16.74
N GLU B 111 -8.59 -0.80 15.86
CA GLU B 111 -8.35 -0.25 14.55
C GLU B 111 -9.31 -0.88 13.55
N ARG B 112 -9.43 -0.25 12.38
CA ARG B 112 -10.40 -0.64 11.36
C ARG B 112 -9.68 -1.03 10.05
N LEU B 113 -10.31 -1.93 9.29
CA LEU B 113 -9.96 -2.17 7.92
C LEU B 113 -10.89 -1.34 7.03
N TRP B 114 -10.32 -0.39 6.31
CA TRP B 114 -11.09 0.60 5.56
C TRP B 114 -11.27 0.16 4.13
N SER B 115 -12.41 0.55 3.51
CA SER B 115 -12.63 0.27 2.09
C SER B 115 -12.02 1.31 1.17
N ASN B 116 -11.92 0.95 -0.10
CA ASN B 116 -11.32 1.77 -1.12
C ASN B 116 -12.16 3.00 -1.49
N LEU B 117 -11.51 3.95 -2.16
CA LEU B 117 -12.23 5.09 -2.71
C LEU B 117 -13.12 4.59 -3.85
N PRO B 118 -14.33 5.16 -4.02
CA PRO B 118 -14.94 6.27 -3.30
C PRO B 118 -15.74 5.85 -2.06
N TYR B 119 -15.70 4.58 -1.69
CA TYR B 119 -16.54 4.06 -0.61
C TYR B 119 -16.08 4.45 0.80
N LEU B 120 -14.76 4.42 0.98
CA LEU B 120 -14.01 4.71 2.23
C LEU B 120 -14.87 4.70 3.51
N ARG B 121 -15.12 3.51 4.02
CA ARG B 121 -15.78 3.37 5.31
C ARG B 121 -15.16 2.20 6.02
N PRO B 122 -15.42 2.08 7.33
CA PRO B 122 -14.93 0.87 8.00
C PRO B 122 -15.65 -0.38 7.52
N MSE B 123 -14.87 -1.42 7.16
CA MSE B 123 -15.39 -2.72 6.82
C MSE B 123 -15.44 -3.68 8.00
O MSE B 123 -16.28 -4.58 8.05
CB MSE B 123 -14.56 -3.35 5.70
CG MSE B 123 -14.44 -2.49 4.47
SE MSE B 123 -13.38 -3.38 3.12
CE MSE B 123 -14.82 -4.50 2.35
N ALA B 124 -14.45 -3.54 8.89
CA ALA B 124 -14.32 -4.41 10.01
C ALA B 124 -13.51 -3.70 11.05
N THR B 125 -13.75 -4.06 12.30
CA THR B 125 -13.01 -3.50 13.44
C THR B 125 -12.36 -4.64 14.21
N ILE B 126 -11.07 -4.50 14.56
CA ILE B 126 -10.38 -5.54 15.30
C ILE B 126 -10.81 -5.41 16.74
N ILE B 127 -11.38 -6.47 17.31
CA ILE B 127 -11.81 -6.42 18.71
C ILE B 127 -10.94 -7.22 19.67
N GLU B 128 -10.15 -8.16 19.16
CA GLU B 128 -9.18 -8.87 19.98
CA GLU B 128 -9.19 -8.92 19.97
C GLU B 128 -8.01 -9.33 19.10
N ASP B 129 -6.83 -9.25 19.66
CA ASP B 129 -5.60 -9.67 19.04
C ASP B 129 -4.75 -10.34 20.10
N THR B 130 -4.66 -11.67 20.07
CA THR B 130 -3.88 -12.36 21.11
C THR B 130 -2.37 -12.09 21.00
N LEU B 131 -1.94 -11.53 19.85
CA LEU B 131 -0.54 -11.11 19.72
C LEU B 131 -0.39 -9.58 19.97
N GLY B 132 -1.41 -8.95 20.56
CA GLY B 132 -1.42 -7.53 20.88
C GLY B 132 -0.25 -7.08 21.74
N TRP B 133 0.33 -8.03 22.49
CA TRP B 133 1.50 -7.77 23.35
C TRP B 133 2.76 -7.43 22.55
N TYR B 134 2.79 -7.79 21.26
CA TYR B 134 4.05 -7.80 20.53
C TYR B 134 4.66 -6.41 20.40
N GLY B 135 3.82 -5.46 20.02
CA GLY B 135 4.28 -4.10 19.85
C GLY B 135 5.19 -3.99 18.66
N ILE B 136 6.27 -3.23 18.85
CA ILE B 136 7.29 -3.02 17.83
C ILE B 136 8.58 -3.52 18.43
N ASP B 137 9.20 -4.52 17.81
CA ASP B 137 10.43 -5.09 18.34
C ASP B 137 11.63 -4.22 18.04
N GLN B 138 12.78 -4.68 18.53
CA GLN B 138 14.01 -3.89 18.44
CA GLN B 138 14.04 -3.94 18.44
C GLN B 138 14.47 -3.62 17.00
N TYR B 139 13.95 -4.39 16.04
CA TYR B 139 14.28 -4.22 14.62
C TYR B 139 13.28 -3.37 13.83
N GLY B 140 12.16 -3.00 14.46
CA GLY B 140 11.04 -2.34 13.77
C GLY B 140 9.94 -3.29 13.32
N GLY B 141 9.95 -4.52 13.83
CA GLY B 141 9.01 -5.56 13.42
C GLY B 141 7.73 -5.52 14.24
N SER B 142 6.60 -5.77 13.59
CA SER B 142 5.32 -5.91 14.26
C SER B 142 4.52 -6.96 13.48
N VAL B 143 3.37 -7.36 14.06
CA VAL B 143 2.53 -8.36 13.41
CA VAL B 143 2.51 -8.37 13.49
C VAL B 143 1.26 -7.74 12.84
N HIS B 144 0.73 -8.40 11.80
CA HIS B 144 -0.53 -8.03 11.12
C HIS B 144 -0.32 -6.79 10.27
N ASP B 145 0.40 -7.02 9.18
CA ASP B 145 0.91 -5.90 8.40
C ASP B 145 -0.05 -5.44 7.28
N VAL B 146 0.02 -4.13 7.04
CA VAL B 146 -0.67 -3.46 5.97
C VAL B 146 0.33 -2.68 5.10
N ILE B 147 1.51 -3.29 4.98
CA ILE B 147 2.61 -2.72 4.17
C ILE B 147 3.07 -3.60 3.03
N GLY B 148 2.79 -4.91 3.10
CA GLY B 148 3.06 -5.82 1.96
C GLY B 148 1.94 -5.76 0.94
N THR B 149 2.05 -6.59 -0.09
CA THR B 149 0.98 -6.66 -1.07
C THR B 149 0.33 -8.03 -1.09
N ARG B 150 1.18 -9.05 -1.12
CA ARG B 150 0.85 -10.50 -1.13
C ARG B 150 1.92 -11.18 -1.99
N CYS B 151 2.41 -12.35 -1.61
CA CYS B 151 3.25 -13.10 -2.53
C CYS B 151 2.45 -13.40 -3.80
N ASP B 152 3.15 -13.38 -4.93
CA ASP B 152 2.48 -13.48 -6.19
C ASP B 152 3.36 -14.11 -7.25
N PRO B 153 2.73 -14.75 -8.24
CA PRO B 153 3.49 -15.51 -9.25
C PRO B 153 4.25 -14.66 -10.25
N TYR B 154 3.82 -13.42 -10.40
CA TYR B 154 4.47 -12.50 -11.31
C TYR B 154 5.82 -12.10 -10.76
N THR B 155 5.85 -11.72 -9.49
CA THR B 155 7.12 -11.47 -8.85
C THR B 155 8.02 -12.70 -8.85
N GLY B 156 7.43 -13.86 -8.60
CA GLY B 156 8.18 -15.09 -8.60
C GLY B 156 8.84 -15.29 -9.95
N ASN B 157 8.08 -15.07 -11.00
CA ASN B 157 8.60 -15.24 -12.36
C ASN B 157 9.72 -14.25 -12.67
N LEU B 158 9.49 -13.00 -12.31
CA LEU B 158 10.47 -11.90 -12.43
C LEU B 158 11.80 -12.25 -11.78
N LEU B 159 11.73 -12.73 -10.54
CA LEU B 159 12.95 -12.89 -9.76
C LEU B 159 13.59 -14.25 -9.89
N ALA B 160 12.82 -15.32 -10.08
CA ALA B 160 13.37 -16.69 -10.14
C ALA B 160 13.05 -17.40 -11.47
N GLY B 161 12.22 -16.80 -12.31
CA GLY B 161 11.75 -17.51 -13.45
C GLY B 161 10.80 -18.59 -12.93
N GLY B 162 10.16 -19.24 -13.84
CA GLY B 162 9.20 -20.25 -13.47
C GLY B 162 7.82 -19.74 -13.13
N HIS B 163 6.97 -20.73 -12.86
CA HIS B 163 5.53 -20.54 -12.73
C HIS B 163 5.06 -21.35 -11.55
N TYR B 164 4.72 -20.64 -10.48
CA TYR B 164 4.27 -21.26 -9.24
C TYR B 164 2.83 -20.80 -9.00
N HIS B 165 1.96 -21.75 -8.68
CA HIS B 165 0.53 -21.49 -8.77
C HIS B 165 -0.17 -21.36 -7.40
N HIS B 166 0.59 -21.47 -6.32
CA HIS B 166 0.05 -21.42 -4.95
C HIS B 166 0.59 -20.27 -4.12
N CYS B 167 1.05 -19.22 -4.80
CA CYS B 167 1.22 -17.94 -4.11
C CYS B 167 -0.15 -17.39 -3.66
N CYS B 168 -0.13 -16.55 -2.64
CA CYS B 168 -1.37 -15.99 -2.09
C CYS B 168 -2.20 -15.27 -3.13
N HIS B 169 -1.55 -14.52 -4.01
CA HIS B 169 -2.29 -13.86 -5.09
C HIS B 169 -3.17 -14.87 -5.89
N SER B 170 -2.57 -16.01 -6.27
CA SER B 170 -3.32 -17.05 -7.03
C SER B 170 -4.37 -17.75 -6.18
N ASN B 171 -4.00 -18.03 -4.93
CA ASN B 171 -4.92 -18.69 -4.01
C ASN B 171 -6.19 -17.85 -3.83
N LEU B 172 -6.00 -16.55 -3.58
CA LEU B 172 -7.12 -15.63 -3.46
C LEU B 172 -7.94 -15.55 -4.75
N THR B 173 -7.24 -15.51 -5.90
CA THR B 173 -7.92 -15.42 -7.21
C THR B 173 -8.82 -16.64 -7.42
N ARG B 174 -8.27 -17.84 -7.22
CA ARG B 174 -9.08 -19.07 -7.36
C ARG B 174 -10.25 -19.10 -6.39
N ALA B 175 -10.02 -18.78 -5.11
CA ALA B 175 -11.07 -18.82 -4.11
C ALA B 175 -12.21 -17.87 -4.47
N LEU B 176 -11.83 -16.68 -4.92
CA LEU B 176 -12.82 -15.65 -5.23
C LEU B 176 -13.63 -16.08 -6.46
N ALA B 177 -12.94 -16.58 -7.48
CA ALA B 177 -13.58 -16.99 -8.71
C ALA B 177 -14.57 -18.12 -8.38
N ASP B 178 -14.14 -19.09 -7.59
CA ASP B 178 -15.00 -20.23 -7.22
C ASP B 178 -16.22 -19.82 -6.43
N HIS B 179 -16.05 -18.93 -5.47
CA HIS B 179 -17.15 -18.51 -4.63
C HIS B 179 -18.19 -17.70 -5.39
N THR B 180 -17.70 -16.83 -6.28
CA THR B 180 -18.56 -15.85 -7.00
C THR B 180 -19.01 -16.28 -8.38
N GLY B 181 -18.29 -17.24 -8.98
CA GLY B 181 -18.56 -17.66 -10.34
C GLY B 181 -17.97 -16.76 -11.42
N LEU B 182 -17.24 -15.72 -10.99
CA LEU B 182 -16.60 -14.83 -11.94
C LEU B 182 -15.52 -15.57 -12.71
N PRO B 183 -15.30 -15.16 -13.97
CA PRO B 183 -14.17 -15.68 -14.68
C PRO B 183 -12.89 -15.45 -13.89
N LEU B 184 -11.99 -16.41 -13.98
CA LEU B 184 -10.77 -16.39 -13.21
C LEU B 184 -10.03 -15.06 -13.34
N HIS B 185 -9.90 -14.53 -14.56
CA HIS B 185 -9.11 -13.32 -14.76
C HIS B 185 -9.83 -12.04 -14.40
N GLU B 186 -11.17 -12.10 -14.33
CA GLU B 186 -11.95 -11.02 -13.74
CA GLU B 186 -11.94 -11.01 -13.75
C GLU B 186 -11.84 -11.03 -12.22
N ALA B 187 -11.96 -12.21 -11.61
CA ALA B 187 -11.72 -12.33 -10.17
C ALA B 187 -10.30 -11.83 -9.81
N GLU B 188 -9.30 -12.18 -10.63
CA GLU B 188 -7.95 -11.72 -10.37
C GLU B 188 -7.80 -10.21 -10.19
N MSE B 189 -8.59 -9.44 -10.94
CA MSE B 189 -8.38 -7.99 -10.94
C MSE B 189 -9.06 -7.35 -9.72
O MSE B 189 -8.76 -6.19 -9.42
CB MSE B 189 -8.86 -7.34 -12.25
CG MSE B 189 -7.95 -7.58 -13.53
SE MSE B 189 -6.02 -7.68 -13.23
CE MSE B 189 -5.68 -9.48 -13.39
N LEU B 190 -9.88 -8.11 -8.98
CA LEU B 190 -10.48 -7.64 -7.72
C LEU B 190 -9.67 -8.03 -6.48
N VAL B 191 -8.74 -8.98 -6.63
CA VAL B 191 -7.82 -9.32 -5.56
C VAL B 191 -6.98 -8.07 -5.30
N HIS B 192 -6.71 -7.80 -4.03
CA HIS B 192 -6.11 -6.57 -3.56
C HIS B 192 -5.05 -6.77 -2.49
N ASP B 193 -4.31 -5.71 -2.21
CA ASP B 193 -3.25 -5.74 -1.24
C ASP B 193 -3.83 -6.20 0.10
N VAL B 194 -3.14 -7.13 0.72
CA VAL B 194 -3.69 -7.90 1.82
C VAL B 194 -3.47 -7.28 3.20
N LEU B 195 -4.23 -7.82 4.14
CA LEU B 195 -3.86 -7.76 5.55
C LEU B 195 -3.06 -9.04 5.81
N ASN B 196 -1.83 -8.84 6.24
CA ASN B 196 -0.90 -9.95 6.48
C ASN B 196 -1.03 -10.47 7.90
N VAL B 197 -2.08 -11.28 8.11
CA VAL B 197 -2.48 -11.76 9.45
C VAL B 197 -1.37 -12.69 10.01
N PHE B 198 -0.88 -12.36 11.21
CA PHE B 198 0.15 -13.07 11.95
C PHE B 198 1.55 -12.86 11.44
N MSE B 199 1.73 -12.21 10.29
CA MSE B 199 3.07 -12.02 9.70
C MSE B 199 3.78 -10.93 10.48
O MSE B 199 3.19 -9.90 10.82
CB MSE B 199 3.02 -11.61 8.23
CG MSE B 199 4.26 -11.98 7.41
SE MSE B 199 4.05 -11.35 5.64
CE MSE B 199 5.91 -11.48 5.07
N CYS B 200 5.05 -11.17 10.76
CA CYS B 200 5.87 -10.27 11.52
C CYS B 200 6.87 -9.64 10.53
N THR B 201 6.78 -8.34 10.35
CA THR B 201 7.46 -7.59 9.28
C THR B 201 7.71 -6.16 9.70
N GLY B 202 8.53 -5.49 8.92
CA GLY B 202 8.74 -4.06 9.11
C GLY B 202 9.62 -3.55 7.99
N PHE B 203 10.17 -2.37 8.20
CA PHE B 203 11.15 -1.78 7.29
C PHE B 203 12.45 -1.62 8.06
N THR B 204 13.55 -2.07 7.44
CA THR B 204 14.83 -1.92 8.14
C THR B 204 15.09 -0.44 8.49
N ARG B 205 15.69 -0.24 9.66
CA ARG B 205 16.00 1.12 10.09
C ARG B 205 17.13 1.74 9.29
N ASP B 206 18.05 0.93 8.78
CA ASP B 206 19.20 1.48 8.04
C ASP B 206 18.97 1.70 6.55
N THR B 207 18.12 0.88 5.93
CA THR B 207 17.95 0.98 4.48
C THR B 207 16.50 1.16 4.01
N GLY B 208 15.55 1.02 4.94
CA GLY B 208 14.13 1.14 4.61
C GLY B 208 13.51 0.03 3.80
N GLN B 209 14.15 -1.13 3.80
CA GLN B 209 13.71 -2.27 3.03
C GLN B 209 12.72 -3.12 3.82
N TYR B 210 11.76 -3.68 3.10
CA TYR B 210 10.77 -4.56 3.67
C TYR B 210 11.39 -5.86 4.12
N PHE B 211 11.19 -6.21 5.40
CA PHE B 211 11.71 -7.43 5.98
C PHE B 211 10.62 -8.26 6.65
N MSE B 212 10.90 -9.54 6.76
CA MSE B 212 10.06 -10.49 7.46
C MSE B 212 10.92 -11.19 8.51
O MSE B 212 12.16 -11.12 8.51
CB MSE B 212 9.41 -11.51 6.56
CG MSE B 212 10.39 -12.51 6.05
SE MSE B 212 9.63 -13.46 4.56
CE MSE B 212 10.86 -14.99 4.62
N LYS B 213 10.23 -11.88 9.42
CA LYS B 213 10.92 -12.71 10.41
C LYS B 213 9.93 -13.76 10.96
N ALA B 214 10.45 -14.83 11.55
CA ALA B 214 9.60 -15.92 12.08
C ALA B 214 8.46 -15.34 12.87
N SER B 215 7.24 -15.76 12.56
CA SER B 215 6.07 -15.19 13.23
C SER B 215 6.02 -15.63 14.67
N PRO B 216 5.61 -14.72 15.57
CA PRO B 216 5.44 -15.10 16.99
C PRO B 216 4.14 -15.90 17.24
N VAL B 217 3.33 -16.10 16.22
CA VAL B 217 2.06 -16.80 16.35
C VAL B 217 2.31 -18.27 16.78
N ARG B 218 1.45 -18.78 17.64
CA ARG B 218 1.47 -20.21 17.99
C ARG B 218 0.02 -20.71 17.98
N PRO B 219 -0.19 -22.01 17.79
CA PRO B 219 -1.56 -22.51 17.82
C PRO B 219 -2.34 -22.06 19.03
N GLY B 220 -3.55 -21.59 18.79
CA GLY B 220 -4.35 -21.00 19.84
C GLY B 220 -4.47 -19.49 19.73
N ASP B 221 -3.46 -18.87 19.12
CA ASP B 221 -3.49 -17.43 18.87
C ASP B 221 -4.60 -17.16 17.85
N TYR B 222 -5.18 -15.97 17.97
CA TYR B 222 -6.20 -15.54 17.06
C TYR B 222 -6.29 -14.00 16.92
N LEU B 223 -6.91 -13.61 15.81
CA LEU B 223 -7.24 -12.22 15.53
C LEU B 223 -8.74 -12.21 15.25
N GLU B 224 -9.48 -11.37 15.98
CA GLU B 224 -10.93 -11.36 15.88
C GLU B 224 -11.46 -9.98 15.52
N PHE B 225 -12.45 -9.99 14.62
CA PHE B 225 -13.03 -8.82 13.96
C PHE B 225 -14.52 -8.77 14.17
N PHE B 226 -15.04 -7.56 14.28
CA PHE B 226 -16.46 -7.24 14.16
C PHE B 226 -16.68 -6.77 12.74
N ALA B 227 -17.67 -7.36 12.07
CA ALA B 227 -18.02 -6.99 10.69
C ALA B 227 -18.91 -5.76 10.72
N GLU B 228 -18.42 -4.67 10.14
CA GLU B 228 -19.19 -3.43 10.11
C GLU B 228 -20.21 -3.39 9.01
N ILE B 229 -19.90 -4.12 7.94
CA ILE B 229 -20.80 -4.30 6.82
C ILE B 229 -20.87 -5.80 6.45
N ASP B 230 -21.82 -6.17 5.61
CA ASP B 230 -21.85 -7.53 5.10
C ASP B 230 -20.61 -7.73 4.24
N LEU B 231 -19.84 -8.78 4.55
CA LEU B 231 -18.53 -9.05 3.93
C LEU B 231 -18.43 -10.40 3.24
N LEU B 232 -17.71 -10.39 2.12
CA LEU B 232 -17.09 -11.59 1.60
C LEU B 232 -15.63 -11.52 1.97
N GLY B 233 -15.22 -12.41 2.85
CA GLY B 233 -13.82 -12.57 3.27
C GLY B 233 -13.14 -13.58 2.35
N ASN B 234 -11.84 -13.45 2.20
CA ASN B 234 -11.09 -14.34 1.34
C ASN B 234 -9.72 -14.45 2.01
N LEU B 235 -9.39 -15.66 2.43
CA LEU B 235 -8.14 -15.90 3.17
C LEU B 235 -7.27 -16.99 2.52
N SER B 236 -5.99 -16.68 2.35
CA SER B 236 -4.96 -17.59 1.86
C SER B 236 -3.96 -17.97 2.95
N ALA B 237 -3.72 -19.27 3.06
CA ALA B 237 -2.69 -19.79 3.94
C ALA B 237 -1.38 -19.78 3.16
N CYS B 238 -0.58 -18.78 3.44
CA CYS B 238 0.60 -18.44 2.63
C CYS B 238 1.60 -19.58 2.53
N PRO B 239 2.17 -19.85 1.32
CA PRO B 239 3.19 -20.89 1.20
C PRO B 239 4.50 -20.55 1.92
N GLY B 240 4.65 -19.31 2.41
CA GLY B 240 5.77 -19.02 3.29
C GLY B 240 5.68 -19.55 4.71
N GLY B 241 4.53 -20.11 5.09
CA GLY B 241 4.40 -20.74 6.41
C GLY B 241 4.46 -19.68 7.48
N ASP B 242 5.38 -19.80 8.43
CA ASP B 242 5.53 -18.74 9.43
C ASP B 242 6.50 -17.64 9.00
N CYS B 243 6.96 -17.72 7.73
CA CYS B 243 7.87 -16.73 7.17
C CYS B 243 9.19 -16.67 7.92
N SER B 244 9.63 -17.85 8.39
CA SER B 244 10.89 -17.96 9.12
C SER B 244 12.08 -18.31 8.24
N SER B 245 11.84 -18.50 6.94
CA SER B 245 12.91 -18.87 6.01
C SER B 245 13.96 -17.79 5.96
N GLU B 246 15.23 -18.20 5.80
CA GLU B 246 16.36 -17.29 5.77
C GLU B 246 16.72 -16.88 4.34
N ALA B 252 8.98 -24.02 2.99
CA ALA B 252 8.42 -23.62 4.29
C ALA B 252 7.47 -24.70 4.81
N SER B 253 7.45 -24.91 6.12
CA SER B 253 6.48 -25.83 6.75
C SER B 253 5.14 -25.11 6.97
N CYS B 254 4.08 -25.58 6.32
CA CYS B 254 2.83 -24.85 6.27
C CYS B 254 1.71 -25.60 6.97
N HIS B 255 0.73 -24.83 7.40
CA HIS B 255 -0.36 -25.32 8.25
C HIS B 255 -1.67 -24.67 7.80
N PRO B 256 -2.82 -25.25 8.21
CA PRO B 256 -4.09 -24.61 7.93
C PRO B 256 -4.28 -23.34 8.76
N LEU B 257 -5.35 -22.60 8.48
CA LEU B 257 -5.84 -21.53 9.30
C LEU B 257 -7.33 -21.77 9.47
N LEU B 258 -7.83 -21.45 10.66
CA LEU B 258 -9.24 -21.64 10.93
C LEU B 258 -10.00 -20.33 10.97
N VAL B 259 -11.06 -20.22 10.18
CA VAL B 259 -11.95 -19.05 10.27
C VAL B 259 -13.24 -19.51 10.98
N GLU B 260 -13.65 -18.79 12.04
CA GLU B 260 -14.94 -19.05 12.71
C GLU B 260 -15.78 -17.81 12.71
N ILE B 261 -17.09 -18.01 12.55
CA ILE B 261 -18.06 -16.90 12.51
C ILE B 261 -18.96 -17.01 13.74
N PHE B 262 -19.22 -15.87 14.39
CA PHE B 262 -20.08 -15.79 15.59
C PHE B 262 -21.14 -14.70 15.41
N ALA B 263 -22.35 -14.91 15.92
CA ALA B 263 -23.43 -13.95 15.76
C ALA B 263 -23.91 -13.60 17.15
N PRO B 264 -24.05 -12.29 17.44
CA PRO B 264 -24.49 -11.86 18.76
C PRO B 264 -25.99 -12.14 18.93
N ALA B 265 -26.44 -12.17 20.17
CA ALA B 265 -27.88 -12.30 20.45
C ALA B 265 -28.60 -11.09 19.89
N GLU B 266 -29.81 -11.30 19.39
CA GLU B 266 -30.60 -10.17 18.91
C GLU B 266 -30.78 -9.13 20.01
N GLY B 267 -30.62 -7.85 19.63
CA GLY B 267 -30.73 -6.73 20.57
C GLY B 267 -29.45 -6.24 21.22
N MSE B 268 -28.39 -7.06 21.21
CA MSE B 268 -27.16 -6.70 21.91
C MSE B 268 -26.40 -5.55 21.27
O MSE B 268 -25.56 -4.94 21.91
CB MSE B 268 -26.26 -7.90 22.01
CG MSE B 268 -26.76 -8.94 23.00
SE MSE B 268 -26.87 -8.23 24.79
CE MSE B 268 -25.09 -7.89 25.15
N LEU B 269 -26.68 -5.25 20.02
CA LEU B 269 -26.04 -4.11 19.37
C LEU B 269 -26.95 -2.88 19.39
N GLY B 270 -28.13 -3.01 19.98
CA GLY B 270 -29.05 -1.89 20.08
C GLY B 270 -29.31 -1.22 18.75
N ASP B 271 -29.14 0.10 18.72
CA ASP B 271 -29.45 0.92 17.54
C ASP B 271 -28.25 1.06 16.58
N TRP B 272 -27.19 0.30 16.82
CA TRP B 272 -25.98 0.40 15.99
C TRP B 272 -26.36 0.25 14.53
N PRO B 273 -25.97 1.24 13.71
CA PRO B 273 -26.12 1.25 12.27
C PRO B 273 -24.82 0.84 11.56
N SER B 274 -24.89 0.08 10.48
CA SER B 274 -23.70 -0.12 9.62
CA SER B 274 -23.73 -0.14 9.63
C SER B 274 -23.25 1.25 9.16
N PRO B 275 -21.93 1.48 9.14
CA PRO B 275 -21.44 2.74 8.61
C PRO B 275 -21.89 2.97 7.18
N SER B 276 -22.15 4.22 6.82
CA SER B 276 -22.50 4.58 5.45
C SER B 276 -21.25 4.80 4.60
N VAL B 277 -21.42 4.65 3.30
CA VAL B 277 -20.35 4.98 2.36
C VAL B 277 -20.04 6.46 2.49
N ASN B 278 -18.81 6.80 2.15
CA ASN B 278 -18.35 8.16 2.26
C ASN B 278 -19.21 9.16 1.53
N GLY B 279 -19.37 10.31 2.19
CA GLY B 279 -20.30 11.34 1.77
C GLY B 279 -19.74 12.43 0.86
N TYR B 280 -18.47 12.33 0.46
CA TYR B 280 -17.92 13.34 -0.45
C TYR B 280 -18.77 13.47 -1.70
N ASP B 281 -18.96 14.69 -2.19
CA ASP B 281 -19.89 14.89 -3.32
C ASP B 281 -19.45 14.30 -4.70
N ARG B 282 -18.18 13.88 -4.79
CA ARG B 282 -17.60 13.18 -5.95
CA ARG B 282 -17.62 13.17 -5.96
C ARG B 282 -17.52 14.08 -7.18
N SER B 283 -17.65 15.40 -6.98
CA SER B 283 -17.65 16.32 -8.13
C SER B 283 -16.23 16.64 -8.59
N HIS B 284 -15.27 16.53 -7.68
CA HIS B 284 -13.85 16.85 -8.02
C HIS B 284 -13.68 18.27 -8.58
N GLY B 285 -14.61 19.15 -8.19
CA GLY B 285 -14.54 20.55 -8.56
C GLY B 285 -15.25 20.84 -9.88
N ARG B 286 -15.76 19.80 -10.53
CA ARG B 286 -16.47 19.96 -11.80
C ARG B 286 -17.98 20.15 -11.58
ZN ZN C . -1.69 15.71 -2.07
CL CL D . -1.86 9.42 2.13
CL CL E . -20.43 19.31 4.95
C1 GOL F . 20.40 22.88 -5.97
O1 GOL F . 19.24 23.40 -5.36
C2 GOL F . 20.15 21.53 -6.62
O2 GOL F . 20.17 20.54 -5.62
C3 GOL F . 21.23 21.15 -7.62
O3 GOL F . 20.57 20.86 -8.83
ZN ZN G . 1.77 -15.45 0.61
S SO4 H . 4.94 -8.50 -0.91
O1 SO4 H . 5.96 -8.20 0.09
O2 SO4 H . 5.47 -9.62 -1.76
O3 SO4 H . 3.68 -8.88 -0.27
O4 SO4 H . 4.74 -7.30 -1.74
CL CL I . 10.73 -20.85 -16.92
CL CL J . 4.44 -28.55 4.53
#